data_6J17
#
_entry.id   6J17
#
_cell.length_a   53.363
_cell.length_b   56.628
_cell.length_c   93.532
_cell.angle_alpha   90.000
_cell.angle_beta   90.000
_cell.angle_gamma   90.000
#
_symmetry.space_group_name_H-M   'P 21 21 21'
#
loop_
_entity.id
_entity.type
_entity.pdbx_description
1 polymer 'ESX-3 secretion system protein EccC3'
2 non-polymer "ADENOSINE-5'-TRIPHOSPHATE"
3 non-polymer 'MAGNESIUM ION'
4 water water
#
_entity_poly.entity_id   1
_entity_poly.type   'polypeptide(L)'
_entity_poly.pdbx_seq_one_letter_code
;MKYLLPTAAAGLLLLAAQPAMAMDSSGLEVLFQGPGSPGMAAPPVRLLPTNLAPHAVGELYRGPDQLVIGQREEDLAPVI
LDLAANPLLMVFGDARSGKTTLLRHIIRTVREHSTADRVAFTVLDRRLHLVDEPLFPDNEYTANIDRIIPAMLGLANLIE
ARRPPAGMSAAELSRWTFAGHTHYLIIDDVDQVPDSPAMTGPYIGQRPWTPLIGLLAQAGDLGLRVIVTGRATGSAHLLM
TSPLLRRFNDLQATTLMLAGNPADSGKIRGERFARLPAGRAILLTDSDSPTYVQLINPLVDAAAVSGETQQKGSQSLEHH
HHHH
;
_entity_poly.pdbx_strand_id   A
#
loop_
_chem_comp.id
_chem_comp.type
_chem_comp.name
_chem_comp.formula
ATP non-polymer ADENOSINE-5'-TRIPHOSPHATE 'C10 H16 N5 O13 P3'
MG non-polymer 'MAGNESIUM ION' 'Mg 2'
#
# COMPACT_ATOMS: atom_id res chain seq x y z
N ARG A 46 -9.56 19.12 17.32
CA ARG A 46 -9.00 20.17 16.58
C ARG A 46 -9.44 20.27 15.15
N LEU A 47 -9.29 21.42 14.54
CA LEU A 47 -9.74 21.60 13.19
C LEU A 47 -8.73 21.24 12.15
N LEU A 48 -8.94 20.11 11.50
CA LEU A 48 -8.04 19.74 10.42
C LEU A 48 -8.14 20.69 9.23
N PRO A 49 -7.08 20.83 8.46
CA PRO A 49 -7.18 21.57 7.20
C PRO A 49 -7.90 20.73 6.15
N THR A 50 -8.19 21.40 5.07
CA THR A 50 -8.87 20.82 3.93
C THR A 50 -7.93 20.66 2.74
N ASN A 51 -6.79 21.36 2.78
CA ASN A 51 -5.75 21.26 1.76
C ASN A 51 -4.41 21.40 2.48
N LEU A 52 -3.76 20.28 2.79
CA LEU A 52 -2.55 20.27 3.59
C LEU A 52 -1.33 20.26 2.67
N ALA A 53 -0.52 21.29 2.74
CA ALA A 53 0.63 21.42 1.85
C ALA A 53 1.78 20.54 2.33
N PRO A 54 2.59 20.01 1.40
CA PRO A 54 3.72 19.15 1.80
C PRO A 54 4.86 19.88 2.51
N HIS A 55 4.76 21.17 2.79
CA HIS A 55 5.78 21.84 3.56
C HIS A 55 5.27 22.34 4.90
N ALA A 56 3.99 22.13 5.21
CA ALA A 56 3.41 22.54 6.48
C ALA A 56 3.66 21.55 7.62
N VAL A 57 4.33 20.42 7.34
CA VAL A 57 4.43 19.30 8.28
C VAL A 57 5.89 18.97 8.63
N GLY A 58 6.80 19.91 8.41
CA GLY A 58 8.19 19.61 8.73
C GLY A 58 8.77 18.59 7.79
N GLU A 59 9.67 17.76 8.33
CA GLU A 59 10.39 16.81 7.48
C GLU A 59 9.47 15.66 7.08
N LEU A 60 9.37 15.43 5.77
CA LEU A 60 8.47 14.41 5.25
C LEU A 60 9.06 13.02 5.36
N TYR A 61 10.38 12.93 5.34
CA TYR A 61 11.14 11.68 5.38
C TYR A 61 11.92 11.67 6.69
N ARG A 62 11.53 10.81 7.63
CA ARG A 62 12.18 10.74 8.95
C ARG A 62 13.14 9.54 9.06
N GLY A 63 13.53 8.96 7.93
CA GLY A 63 14.32 7.75 7.90
C GLY A 63 13.67 6.77 6.95
N PRO A 64 14.43 5.78 6.47
CA PRO A 64 13.86 4.76 5.59
C PRO A 64 12.51 4.27 6.11
N ASP A 65 11.54 4.22 5.20
CA ASP A 65 10.22 3.69 5.51
C ASP A 65 9.38 4.51 6.50
N GLN A 66 9.88 5.67 6.99
CA GLN A 66 9.17 6.56 7.92
C GLN A 66 8.71 7.79 7.17
N LEU A 67 7.43 7.83 6.79
CA LEU A 67 6.92 8.84 5.88
C LEU A 67 5.80 9.62 6.55
N VAL A 68 5.94 10.94 6.65
CA VAL A 68 4.83 11.77 7.08
C VAL A 68 3.79 11.78 5.97
N ILE A 69 2.55 11.44 6.30
CA ILE A 69 1.49 11.41 5.30
C ILE A 69 0.38 12.37 5.62
N GLY A 70 0.38 13.01 6.78
CA GLY A 70 -0.68 13.98 7.06
C GLY A 70 -0.57 14.50 8.49
N GLN A 71 -1.70 15.01 9.00
CA GLN A 71 -1.87 15.49 10.39
C GLN A 71 -3.07 14.79 11.00
N ARG A 72 -3.03 14.54 12.31
CA ARG A 72 -4.14 13.91 13.01
C ARG A 72 -5.01 14.97 13.69
N GLU A 73 -6.29 14.63 13.90
CA GLU A 73 -7.27 15.59 14.42
C GLU A 73 -7.00 16.01 15.87
N GLU A 74 -6.38 15.15 16.68
CA GLU A 74 -6.24 15.47 18.10
C GLU A 74 -5.46 16.77 18.33
N ASP A 75 -4.30 16.87 17.69
CA ASP A 75 -3.38 17.95 18.04
C ASP A 75 -2.68 18.48 16.79
N LEU A 76 -3.15 18.10 15.61
CA LEU A 76 -2.53 18.45 14.32
C LEU A 76 -1.06 18.01 14.24
N ALA A 77 -0.66 17.01 15.02
CA ALA A 77 0.69 16.46 14.94
C ALA A 77 0.85 15.64 13.65
N PRO A 78 2.08 15.54 13.13
CA PRO A 78 2.30 14.78 11.89
C PRO A 78 1.95 13.33 12.08
N VAL A 79 1.32 12.73 11.08
CA VAL A 79 1.01 11.31 11.02
C VAL A 79 2.10 10.61 10.24
N ILE A 80 2.81 9.68 10.88
CA ILE A 80 4.02 9.09 10.32
C ILE A 80 3.75 7.62 10.02
N LEU A 81 3.78 7.27 8.75
CA LEU A 81 3.64 5.87 8.34
C LEU A 81 4.97 5.15 8.52
N ASP A 82 5.01 4.11 9.34
CA ASP A 82 6.23 3.34 9.57
C ASP A 82 6.06 2.03 8.78
N LEU A 83 6.60 2.02 7.54
CA LEU A 83 6.44 0.87 6.66
C LEU A 83 7.43 -0.24 6.98
N ALA A 84 8.42 0.02 7.83
CA ALA A 84 9.29 -1.06 8.28
C ALA A 84 8.60 -1.88 9.35
N ALA A 85 7.90 -1.19 10.25
CA ALA A 85 7.12 -1.86 11.29
C ALA A 85 5.90 -2.56 10.73
N ASN A 86 5.21 -1.93 9.79
CA ASN A 86 4.03 -2.52 9.18
C ASN A 86 4.15 -2.31 7.68
N PRO A 87 4.60 -3.32 6.96
CA PRO A 87 4.90 -3.13 5.53
C PRO A 87 3.68 -3.08 4.65
N LEU A 88 2.46 -3.28 5.15
CA LEU A 88 1.27 -3.39 4.32
C LEU A 88 0.31 -2.25 4.62
N LEU A 89 -0.19 -1.59 3.56
CA LEU A 89 -1.15 -0.51 3.76
C LEU A 89 -2.27 -0.67 2.73
N MET A 90 -3.54 -0.67 3.18
CA MET A 90 -4.66 -0.66 2.24
C MET A 90 -5.49 0.60 2.44
N VAL A 91 -5.99 1.18 1.35
CA VAL A 91 -6.65 2.49 1.42
C VAL A 91 -7.98 2.34 0.71
N PHE A 92 -9.08 2.62 1.40
CA PHE A 92 -10.40 2.45 0.81
C PHE A 92 -11.12 3.78 0.74
N GLY A 93 -11.66 4.12 -0.42
CA GLY A 93 -12.32 5.41 -0.56
C GLY A 93 -13.18 5.44 -1.80
N ASP A 94 -14.33 6.11 -1.72
CA ASP A 94 -15.19 6.16 -2.91
C ASP A 94 -14.68 7.24 -3.89
N ALA A 95 -15.49 7.66 -4.86
CA ALA A 95 -14.92 8.33 -6.05
C ALA A 95 -14.27 9.66 -5.67
N ARG A 96 -13.02 9.89 -6.14
CA ARG A 96 -12.31 11.18 -6.03
C ARG A 96 -12.07 11.58 -4.57
N SER A 97 -11.83 10.61 -3.73
CA SER A 97 -11.64 10.93 -2.32
C SER A 97 -10.16 11.06 -1.96
N GLY A 98 -9.26 10.66 -2.87
CA GLY A 98 -7.84 10.80 -2.63
C GLY A 98 -6.94 9.58 -2.63
N LYS A 99 -7.41 8.43 -3.16
CA LYS A 99 -6.59 7.19 -3.16
C LYS A 99 -5.29 7.39 -3.93
N THR A 100 -5.41 7.85 -5.18
CA THR A 100 -4.26 7.90 -6.06
C THR A 100 -3.26 8.96 -5.61
N THR A 101 -3.77 10.11 -5.15
CA THR A 101 -2.96 11.18 -4.58
C THR A 101 -2.12 10.71 -3.40
N LEU A 102 -2.71 9.93 -2.50
CA LEU A 102 -1.88 9.34 -1.44
C LEU A 102 -0.77 8.44 -2.02
N LEU A 103 -1.09 7.64 -3.04
CA LEU A 103 -0.05 6.83 -3.69
C LEU A 103 1.03 7.71 -4.28
N ARG A 104 0.62 8.79 -4.96
CA ARG A 104 1.61 9.68 -5.52
C ARG A 104 2.49 10.29 -4.42
N HIS A 105 1.90 10.68 -3.29
CA HIS A 105 2.67 11.28 -2.20
C HIS A 105 3.72 10.31 -1.68
N ILE A 106 3.35 9.05 -1.50
CA ILE A 106 4.29 8.03 -1.02
C ILE A 106 5.43 7.83 -2.01
N ILE A 107 5.10 7.61 -3.28
CA ILE A 107 6.13 7.38 -4.30
C ILE A 107 7.09 8.56 -4.33
N ARG A 108 6.56 9.76 -4.37
CA ARG A 108 7.40 10.95 -4.46
C ARG A 108 8.26 11.10 -3.21
N THR A 109 7.71 10.83 -2.03
CA THR A 109 8.52 11.05 -0.84
C THR A 109 9.63 9.98 -0.73
N VAL A 110 9.29 8.72 -1.01
CA VAL A 110 10.30 7.67 -1.04
C VAL A 110 11.37 7.97 -2.09
N ARG A 111 10.95 8.37 -3.28
CA ARG A 111 11.91 8.63 -4.36
C ARG A 111 12.81 9.82 -4.07
N GLU A 112 12.27 10.88 -3.44
CA GLU A 112 13.10 12.07 -3.29
C GLU A 112 14.24 11.84 -2.32
N HIS A 113 14.12 10.86 -1.43
CA HIS A 113 15.13 10.67 -0.40
C HIS A 113 15.81 9.31 -0.49
N SER A 114 15.74 8.65 -1.65
CA SER A 114 16.34 7.34 -1.86
C SER A 114 17.19 7.39 -3.12
N THR A 115 18.02 6.36 -3.27
CA THR A 115 18.83 6.14 -4.47
C THR A 115 18.31 4.89 -5.16
N ALA A 116 18.57 4.81 -6.47
CA ALA A 116 17.95 3.76 -7.27
C ALA A 116 18.49 2.37 -6.97
N ASP A 117 19.63 2.28 -6.30
CA ASP A 117 20.22 0.99 -5.98
C ASP A 117 19.78 0.47 -4.62
N ARG A 118 19.01 1.27 -3.87
CA ARG A 118 18.45 0.90 -2.57
C ARG A 118 16.95 0.71 -2.60
N VAL A 119 16.24 1.37 -3.53
CA VAL A 119 14.79 1.37 -3.62
C VAL A 119 14.37 1.11 -5.05
N ALA A 120 13.33 0.29 -5.23
CA ALA A 120 12.70 0.08 -6.53
C ALA A 120 11.19 0.08 -6.33
N PHE A 121 10.47 0.62 -7.30
CA PHE A 121 9.01 0.58 -7.34
C PHE A 121 8.56 -0.42 -8.39
N THR A 122 7.39 -1.01 -8.14
CA THR A 122 6.57 -1.69 -9.15
C THR A 122 5.19 -1.10 -9.02
N VAL A 123 4.69 -0.48 -10.09
CA VAL A 123 3.40 0.22 -10.01
C VAL A 123 2.43 -0.44 -10.98
N LEU A 124 1.28 -0.89 -10.46
CA LEU A 124 0.20 -1.43 -11.27
C LEU A 124 -0.93 -0.41 -11.26
N ASP A 125 -1.32 0.07 -12.44
CA ASP A 125 -2.21 1.25 -12.53
C ASP A 125 -3.01 1.21 -13.84
N ARG A 126 -4.13 0.48 -13.83
CA ARG A 126 -4.93 0.30 -15.03
C ARG A 126 -5.55 1.60 -15.52
N ARG A 127 -5.86 2.54 -14.61
CA ARG A 127 -6.53 3.78 -14.97
C ARG A 127 -5.56 4.87 -15.40
N LEU A 128 -4.26 4.61 -15.31
CA LEU A 128 -3.18 5.44 -15.86
C LEU A 128 -3.02 6.78 -15.17
N HIS A 129 -3.66 7.01 -14.00
CA HIS A 129 -3.56 8.32 -13.39
C HIS A 129 -2.21 8.54 -12.72
N LEU A 130 -1.39 7.50 -12.58
CA LEU A 130 -0.04 7.64 -12.04
C LEU A 130 1.08 7.60 -13.10
N VAL A 131 0.75 7.63 -14.41
CA VAL A 131 1.84 7.70 -15.41
C VAL A 131 2.73 8.91 -15.17
N ASP A 132 2.15 9.99 -14.65
CA ASP A 132 2.87 11.23 -14.38
C ASP A 132 4.11 11.00 -13.53
N GLU A 133 4.02 10.13 -12.54
CA GLU A 133 4.92 10.19 -11.39
C GLU A 133 6.20 9.42 -11.67
N PRO A 134 7.36 10.05 -11.70
CA PRO A 134 8.61 9.33 -11.98
C PRO A 134 8.89 8.21 -10.98
N LEU A 135 9.49 7.14 -11.48
CA LEU A 135 9.98 6.07 -10.65
C LEU A 135 11.51 6.11 -10.71
N PHE A 136 12.15 5.03 -10.34
CA PHE A 136 13.57 4.93 -10.64
C PHE A 136 13.78 4.23 -11.98
N PRO A 137 14.97 4.36 -12.58
CA PRO A 137 15.22 3.74 -13.88
C PRO A 137 14.94 2.24 -13.91
N ASP A 138 14.32 1.78 -15.01
CA ASP A 138 13.92 0.41 -15.31
C ASP A 138 12.76 -0.08 -14.45
N ASN A 139 12.21 0.77 -13.57
CA ASN A 139 11.15 0.29 -12.68
C ASN A 139 9.90 -0.02 -13.48
N GLU A 140 9.23 -1.11 -13.11
CA GLU A 140 8.04 -1.51 -13.83
C GLU A 140 6.85 -0.62 -13.47
N TYR A 141 6.33 0.09 -14.48
CA TYR A 141 4.99 0.67 -14.46
C TYR A 141 4.19 -0.02 -15.55
N THR A 142 3.08 -0.65 -15.20
CA THR A 142 2.22 -1.22 -16.22
C THR A 142 0.76 -0.89 -15.93
N ALA A 143 0.03 -0.63 -17.01
CA ALA A 143 -1.42 -0.50 -16.94
C ALA A 143 -2.09 -1.64 -17.66
N ASN A 144 -1.35 -2.70 -17.99
CA ASN A 144 -1.84 -3.76 -18.86
C ASN A 144 -2.21 -4.94 -17.99
N ILE A 145 -3.49 -5.18 -17.86
CA ILE A 145 -4.05 -6.23 -17.04
C ILE A 145 -3.38 -7.59 -17.32
N ASP A 146 -2.83 -7.77 -18.54
CA ASP A 146 -2.19 -9.02 -18.94
C ASP A 146 -0.71 -9.14 -18.56
N ARG A 147 -0.06 -8.05 -18.17
CA ARG A 147 1.32 -8.06 -17.69
C ARG A 147 1.41 -8.33 -16.19
N ILE A 148 0.28 -8.28 -15.50
CA ILE A 148 0.24 -8.38 -14.06
C ILE A 148 0.64 -9.77 -13.61
N ILE A 149 0.19 -10.81 -14.31
CA ILE A 149 0.46 -12.17 -13.83
C ILE A 149 1.97 -12.41 -13.83
N PRO A 150 2.65 -12.25 -14.96
CA PRO A 150 4.10 -12.47 -14.94
C PRO A 150 4.89 -11.46 -14.09
N ALA A 151 4.49 -10.18 -14.08
CA ALA A 151 5.20 -9.21 -13.24
C ALA A 151 5.21 -9.63 -11.76
N MET A 152 4.08 -10.15 -11.27
CA MET A 152 4.01 -10.61 -9.88
C MET A 152 4.77 -11.92 -9.67
N LEU A 153 4.70 -12.85 -10.63
CA LEU A 153 5.53 -14.04 -10.55
C LEU A 153 6.98 -13.67 -10.39
N GLY A 154 7.48 -12.74 -11.21
CA GLY A 154 8.90 -12.39 -11.18
C GLY A 154 9.28 -11.59 -9.93
N LEU A 155 8.41 -10.69 -9.48
CA LEU A 155 8.64 -10.04 -8.18
C LEU A 155 8.68 -11.07 -7.07
N ALA A 156 7.73 -12.01 -7.06
CA ALA A 156 7.73 -13.08 -6.06
C ALA A 156 9.01 -13.90 -6.11
N ASN A 157 9.50 -14.23 -7.31
CA ASN A 157 10.74 -14.99 -7.36
C ASN A 157 11.88 -14.20 -6.74
N LEU A 158 11.85 -12.87 -6.88
CA LEU A 158 12.91 -12.04 -6.35
C LEU A 158 12.84 -12.01 -4.83
N ILE A 159 11.64 -11.84 -4.27
CA ILE A 159 11.54 -11.75 -2.82
C ILE A 159 11.76 -13.13 -2.21
N GLU A 160 11.29 -14.17 -2.90
CA GLU A 160 11.44 -15.54 -2.39
C GLU A 160 12.91 -15.93 -2.28
N ALA A 161 13.74 -15.48 -3.22
CA ALA A 161 15.16 -15.78 -3.19
C ALA A 161 15.86 -15.14 -1.99
N ARG A 162 15.25 -14.20 -1.30
CA ARG A 162 15.86 -13.61 -0.11
C ARG A 162 15.63 -14.43 1.16
N ARG A 163 14.76 -15.45 1.13
CA ARG A 163 14.48 -16.21 2.36
C ARG A 163 15.73 -16.95 2.82
N PRO A 164 15.84 -17.21 4.12
CA PRO A 164 17.00 -17.96 4.65
C PRO A 164 16.88 -19.45 4.37
N PRO A 165 18.01 -20.16 4.31
CA PRO A 165 17.96 -21.61 4.12
C PRO A 165 17.20 -22.30 5.25
N ALA A 166 16.62 -23.46 4.94
CA ALA A 166 16.23 -24.39 6.00
C ALA A 166 17.46 -24.82 6.77
N GLY A 167 17.23 -25.34 7.97
CA GLY A 167 18.28 -25.87 8.82
C GLY A 167 18.86 -24.87 9.81
N MET A 168 18.63 -23.58 9.61
CA MET A 168 18.89 -22.61 10.65
C MET A 168 17.81 -22.72 11.73
N SER A 169 18.16 -22.36 12.96
CA SER A 169 17.17 -22.28 14.02
C SER A 169 17.76 -21.40 15.13
N ALA A 170 17.31 -20.14 15.19
CA ALA A 170 17.81 -19.09 16.06
C ALA A 170 19.24 -18.70 15.72
N ALA A 171 19.70 -19.03 14.52
CA ALA A 171 20.89 -18.43 13.93
C ALA A 171 20.53 -17.46 12.83
N GLU A 172 19.25 -17.16 12.56
CA GLU A 172 19.00 -16.19 11.48
C GLU A 172 18.77 -14.79 11.96
N LEU A 173 18.43 -14.71 13.23
CA LEU A 173 18.20 -13.44 13.85
C LEU A 173 19.59 -12.98 14.12
N SER A 174 20.34 -12.88 13.05
CA SER A 174 21.71 -12.41 13.01
C SER A 174 21.85 -11.56 11.75
N ARG A 175 21.04 -10.49 11.70
CA ARG A 175 21.00 -9.54 10.59
C ARG A 175 20.91 -10.27 9.25
N TRP A 176 20.07 -11.30 9.13
CA TRP A 176 20.13 -12.06 7.90
C TRP A 176 19.75 -11.20 6.73
N THR A 177 18.68 -10.46 6.92
CA THR A 177 18.26 -9.46 5.95
C THR A 177 18.19 -9.90 4.51
N PHE A 178 18.86 -9.14 3.67
CA PHE A 178 18.95 -9.40 2.25
C PHE A 178 19.94 -8.46 1.66
N ALA A 179 20.35 -8.71 0.42
CA ALA A 179 21.45 -7.94 -0.15
C ALA A 179 21.01 -6.59 -0.72
N GLY A 180 19.79 -6.49 -1.27
CA GLY A 180 19.49 -5.42 -2.21
C GLY A 180 18.26 -4.59 -1.86
N HIS A 181 17.58 -4.16 -2.92
CA HIS A 181 16.54 -3.13 -2.86
C HIS A 181 15.44 -3.46 -1.86
N THR A 182 14.96 -2.43 -1.14
CA THR A 182 13.60 -2.46 -0.62
C THR A 182 12.68 -2.15 -1.80
N HIS A 183 11.64 -2.98 -1.97
CA HIS A 183 10.83 -2.95 -3.17
C HIS A 183 9.42 -2.55 -2.76
N TYR A 184 8.92 -1.43 -3.30
CA TYR A 184 7.60 -0.93 -2.96
C TYR A 184 6.66 -1.34 -4.09
N LEU A 185 5.70 -2.22 -3.78
CA LEU A 185 4.71 -2.65 -4.76
C LEU A 185 3.45 -1.82 -4.52
N ILE A 186 3.06 -1.04 -5.54
CA ILE A 186 1.97 -0.07 -5.47
C ILE A 186 0.87 -0.54 -6.43
N ILE A 187 -0.32 -0.79 -5.92
CA ILE A 187 -1.42 -1.28 -6.77
C ILE A 187 -2.58 -0.31 -6.60
N ASP A 188 -2.75 0.63 -7.53
CA ASP A 188 -3.94 1.49 -7.48
C ASP A 188 -5.14 0.70 -7.96
N ASP A 189 -6.29 0.86 -7.29
CA ASP A 189 -7.54 0.22 -7.75
C ASP A 189 -7.39 -1.31 -7.89
N VAL A 190 -6.92 -1.93 -6.81
CA VAL A 190 -6.71 -3.37 -6.80
C VAL A 190 -8.03 -4.11 -6.94
N ASP A 191 -9.13 -3.51 -6.49
CA ASP A 191 -10.43 -4.15 -6.59
C ASP A 191 -10.95 -4.20 -8.03
N GLN A 192 -10.29 -3.54 -8.95
CA GLN A 192 -10.69 -3.53 -10.37
C GLN A 192 -9.83 -4.46 -11.22
N VAL A 193 -8.92 -5.22 -10.61
CA VAL A 193 -8.18 -6.26 -11.31
C VAL A 193 -8.92 -7.58 -11.07
N PRO A 194 -9.49 -8.21 -12.12
CA PRO A 194 -10.11 -9.53 -11.92
C PRO A 194 -9.15 -10.49 -11.26
N ASP A 195 -9.55 -11.08 -10.14
CA ASP A 195 -8.71 -12.02 -9.39
C ASP A 195 -9.10 -13.46 -9.65
N SER A 196 -9.78 -13.72 -10.70
CA SER A 196 -10.19 -15.06 -11.07
C SER A 196 -9.18 -15.65 -12.04
N PRO A 197 -9.20 -16.96 -12.27
CA PRO A 197 -8.23 -17.54 -13.20
C PRO A 197 -8.34 -16.91 -14.59
N ALA A 198 -7.21 -16.75 -15.26
CA ALA A 198 -7.22 -16.17 -16.59
C ALA A 198 -7.93 -17.10 -17.57
N MET A 199 -8.73 -16.50 -18.46
CA MET A 199 -9.50 -17.24 -19.48
C MET A 199 -8.82 -17.26 -20.83
N THR A 200 -7.88 -16.36 -21.07
CA THR A 200 -7.25 -16.23 -22.37
C THR A 200 -5.77 -16.04 -22.18
N GLY A 201 -5.00 -16.19 -23.26
CA GLY A 201 -3.59 -15.86 -23.20
C GLY A 201 -2.72 -16.95 -22.63
N PRO A 202 -1.40 -16.70 -22.56
CA PRO A 202 -0.47 -17.76 -22.11
C PRO A 202 -0.71 -18.24 -20.69
N TYR A 203 -1.27 -17.41 -19.81
CA TYR A 203 -1.37 -17.73 -18.39
C TYR A 203 -2.76 -18.26 -18.01
N ILE A 204 -3.50 -18.86 -18.97
CA ILE A 204 -4.87 -19.34 -18.69
C ILE A 204 -4.87 -20.25 -17.46
N GLY A 205 -5.91 -20.08 -16.61
CA GLY A 205 -6.02 -20.83 -15.38
C GLY A 205 -5.25 -20.26 -14.21
N GLN A 206 -4.40 -19.27 -14.43
CA GLN A 206 -3.57 -18.68 -13.39
C GLN A 206 -4.21 -17.39 -12.88
N ARG A 207 -4.01 -17.11 -11.60
CA ARG A 207 -4.59 -15.91 -10.97
C ARG A 207 -3.50 -14.88 -10.67
N PRO A 208 -3.85 -13.59 -10.63
CA PRO A 208 -2.78 -12.58 -10.55
C PRO A 208 -2.05 -12.52 -9.22
N TRP A 209 -2.74 -12.70 -8.08
CA TRP A 209 -2.12 -12.42 -6.78
C TRP A 209 -1.50 -13.65 -6.13
N THR A 210 -1.69 -14.83 -6.70
CA THR A 210 -1.23 -16.06 -6.03
C THR A 210 0.20 -16.04 -5.54
N PRO A 211 1.21 -15.67 -6.34
CA PRO A 211 2.58 -15.70 -5.81
C PRO A 211 2.84 -14.68 -4.70
N LEU A 212 1.98 -13.66 -4.59
CA LEU A 212 2.19 -12.59 -3.60
C LEU A 212 1.78 -12.98 -2.19
N ILE A 213 0.76 -13.84 -2.08
CA ILE A 213 0.10 -14.09 -0.79
C ILE A 213 1.10 -14.57 0.24
N GLY A 214 1.80 -15.68 -0.06
CA GLY A 214 2.79 -16.27 0.82
C GLY A 214 3.96 -15.37 1.17
N LEU A 215 4.15 -14.28 0.45
CA LEU A 215 5.16 -13.30 0.82
C LEU A 215 4.68 -12.30 1.88
N LEU A 216 3.38 -12.09 2.04
CA LEU A 216 2.95 -10.91 2.80
C LEU A 216 3.33 -11.01 4.27
N ALA A 217 3.28 -12.22 4.84
CA ALA A 217 3.59 -12.38 6.26
C ALA A 217 5.03 -12.01 6.59
N GLN A 218 5.96 -12.28 5.68
CA GLN A 218 7.35 -11.97 5.98
C GLN A 218 7.86 -10.77 5.18
N ALA A 219 6.95 -9.93 4.63
CA ALA A 219 7.39 -8.80 3.80
C ALA A 219 8.35 -7.89 4.54
N GLY A 220 8.16 -7.73 5.86
CA GLY A 220 8.99 -6.82 6.62
C GLY A 220 10.39 -7.35 6.86
N ASP A 221 10.60 -8.66 6.75
CA ASP A 221 11.93 -9.24 6.83
C ASP A 221 12.61 -9.40 5.47
N LEU A 222 11.89 -9.22 4.38
CA LEU A 222 12.44 -9.54 3.07
C LEU A 222 12.48 -8.32 2.15
N GLY A 223 12.33 -7.12 2.71
CA GLY A 223 12.45 -5.92 1.91
C GLY A 223 11.31 -5.69 0.93
N LEU A 224 10.08 -5.96 1.34
CA LEU A 224 8.91 -5.80 0.51
C LEU A 224 7.91 -4.95 1.28
N ARG A 225 7.34 -3.97 0.58
CA ARG A 225 6.21 -3.19 1.07
C ARG A 225 5.11 -3.28 0.05
N VAL A 226 3.86 -3.35 0.49
CA VAL A 226 2.76 -3.43 -0.48
C VAL A 226 1.70 -2.41 -0.09
N ILE A 227 1.28 -1.58 -1.03
CA ILE A 227 0.30 -0.52 -0.78
C ILE A 227 -0.77 -0.64 -1.83
N VAL A 228 -2.02 -0.75 -1.42
CA VAL A 228 -3.08 -0.96 -2.41
C VAL A 228 -4.24 -0.01 -2.11
N THR A 229 -5.05 0.26 -3.14
CA THR A 229 -6.23 1.08 -2.93
C THR A 229 -7.44 0.41 -3.56
N GLY A 230 -8.63 0.75 -3.05
CA GLY A 230 -9.85 0.24 -3.64
C GLY A 230 -11.01 1.11 -3.22
N ARG A 231 -12.16 0.92 -3.88
CA ARG A 231 -13.37 1.66 -3.49
C ARG A 231 -13.76 1.32 -2.05
N ALA A 232 -14.49 2.26 -1.42
CA ALA A 232 -15.07 1.97 -0.10
C ALA A 232 -16.26 1.02 -0.22
N THR A 233 -17.15 1.30 -1.16
CA THR A 233 -18.30 0.43 -1.39
C THR A 233 -17.80 -0.94 -1.88
N GLY A 234 -18.26 -2.01 -1.25
CA GLY A 234 -17.73 -3.34 -1.54
C GLY A 234 -16.51 -3.76 -0.72
N SER A 235 -15.83 -2.84 -0.02
CA SER A 235 -14.53 -3.17 0.56
C SER A 235 -14.63 -4.26 1.64
N ALA A 236 -15.68 -4.24 2.47
CA ALA A 236 -15.77 -5.23 3.55
C ALA A 236 -15.94 -6.64 2.99
N HIS A 237 -16.83 -6.81 2.03
CA HIS A 237 -16.95 -8.09 1.33
C HIS A 237 -15.62 -8.51 0.72
N LEU A 238 -14.88 -7.57 0.11
CA LEU A 238 -13.59 -7.91 -0.47
C LEU A 238 -12.63 -8.39 0.58
N LEU A 239 -12.63 -7.75 1.76
CA LEU A 239 -11.81 -8.20 2.86
C LEU A 239 -12.10 -9.64 3.25
N MET A 240 -13.29 -10.15 2.93
CA MET A 240 -13.57 -11.55 3.23
C MET A 240 -13.37 -12.50 2.06
N THR A 241 -13.55 -12.06 0.81
CA THR A 241 -13.52 -12.98 -0.32
C THR A 241 -12.24 -12.92 -1.15
N SER A 242 -11.54 -11.80 -1.15
CA SER A 242 -10.29 -11.69 -1.89
C SER A 242 -9.14 -12.37 -1.12
N PRO A 243 -8.51 -13.42 -1.65
CA PRO A 243 -7.34 -14.00 -0.97
C PRO A 243 -6.30 -12.95 -0.62
N LEU A 244 -6.08 -11.99 -1.52
CA LEU A 244 -5.11 -10.93 -1.27
C LEU A 244 -5.53 -10.04 -0.10
N LEU A 245 -6.70 -9.38 -0.21
CA LEU A 245 -7.08 -8.45 0.86
C LEU A 245 -7.41 -9.17 2.18
N ARG A 246 -7.89 -10.41 2.12
CA ARG A 246 -8.11 -11.17 3.37
C ARG A 246 -6.79 -11.39 4.11
N ARG A 247 -5.73 -11.71 3.37
CA ARG A 247 -4.41 -11.81 3.99
C ARG A 247 -3.95 -10.45 4.55
N PHE A 248 -4.13 -9.33 3.82
CA PHE A 248 -3.80 -8.03 4.39
C PHE A 248 -4.46 -7.84 5.74
N ASN A 249 -5.77 -8.16 5.82
CA ASN A 249 -6.52 -7.93 7.04
C ASN A 249 -6.12 -8.91 8.14
N ASP A 250 -5.93 -10.20 7.80
CA ASP A 250 -5.40 -11.16 8.76
C ASP A 250 -4.05 -10.75 9.32
N LEU A 251 -3.28 -9.96 8.57
CA LEU A 251 -2.00 -9.44 9.02
C LEU A 251 -2.10 -8.03 9.58
N GLN A 252 -3.30 -7.58 9.83
CA GLN A 252 -3.53 -6.28 10.39
C GLN A 252 -2.87 -5.14 9.63
N ALA A 253 -2.97 -5.16 8.33
CA ALA A 253 -2.41 -4.08 7.54
C ALA A 253 -2.96 -2.74 8.04
N THR A 254 -2.08 -1.73 8.10
CA THR A 254 -2.54 -0.34 8.25
C THR A 254 -3.65 -0.04 7.25
N THR A 255 -4.71 0.60 7.73
CA THR A 255 -5.83 0.91 6.83
C THR A 255 -6.15 2.39 6.90
N LEU A 256 -6.41 2.99 5.74
CA LEU A 256 -6.95 4.35 5.66
C LEU A 256 -8.33 4.26 5.03
N MET A 257 -9.35 4.74 5.75
CA MET A 257 -10.71 4.76 5.27
C MET A 257 -11.03 6.20 4.86
N LEU A 258 -10.94 6.50 3.55
CA LEU A 258 -11.39 7.79 3.04
C LEU A 258 -12.92 7.78 2.99
N ALA A 259 -13.50 8.73 2.25
CA ALA A 259 -14.95 8.89 2.24
C ALA A 259 -15.64 7.64 1.76
N GLY A 260 -16.81 7.37 2.31
CA GLY A 260 -17.60 6.26 1.86
C GLY A 260 -19.01 6.42 2.35
N ASN A 261 -19.82 5.40 2.13
CA ASN A 261 -21.24 5.43 2.47
C ASN A 261 -21.45 4.92 3.89
N PRO A 262 -21.95 5.73 4.83
CA PRO A 262 -22.14 5.25 6.20
C PRO A 262 -23.11 4.11 6.33
N ALA A 263 -23.87 3.77 5.28
CA ALA A 263 -24.79 2.65 5.32
C ALA A 263 -24.26 1.42 4.58
N ASP A 264 -23.97 1.59 3.29
CA ASP A 264 -23.78 0.44 2.41
C ASP A 264 -22.35 -0.11 2.48
N SER A 265 -21.35 0.76 2.63
CA SER A 265 -19.96 0.36 2.47
C SER A 265 -19.47 -0.67 3.52
N GLY A 266 -20.28 -0.97 4.55
CA GLY A 266 -19.96 -2.03 5.50
C GLY A 266 -19.02 -1.56 6.61
N LYS A 267 -18.62 -2.49 7.47
CA LYS A 267 -17.72 -2.18 8.58
C LYS A 267 -16.34 -2.82 8.36
N ILE A 268 -15.29 -2.05 8.64
CA ILE A 268 -13.90 -2.51 8.68
C ILE A 268 -13.45 -2.39 10.12
N ARG A 269 -13.16 -3.53 10.73
CA ARG A 269 -12.68 -3.56 12.10
C ARG A 269 -13.58 -2.73 13.01
N GLY A 270 -14.89 -2.96 12.88
CA GLY A 270 -15.91 -2.25 13.64
C GLY A 270 -16.23 -0.82 13.22
N GLU A 271 -15.50 -0.23 12.26
CA GLU A 271 -15.67 1.18 11.88
C GLU A 271 -16.50 1.29 10.62
N ARG A 272 -17.45 2.23 10.60
CA ARG A 272 -18.17 2.54 9.37
C ARG A 272 -17.45 3.62 8.59
N PHE A 273 -17.67 3.64 7.28
CA PHE A 273 -17.21 4.77 6.50
C PHE A 273 -18.05 5.99 6.85
N ALA A 274 -17.46 7.19 6.63
CA ALA A 274 -18.14 8.47 6.78
C ALA A 274 -18.09 9.25 5.48
N ARG A 275 -18.99 10.23 5.36
CA ARG A 275 -18.95 11.16 4.23
C ARG A 275 -17.94 12.25 4.55
N LEU A 276 -16.77 12.18 3.95
CA LEU A 276 -15.65 13.06 4.29
C LEU A 276 -15.17 13.83 3.06
N PRO A 277 -14.61 15.02 3.24
CA PRO A 277 -14.01 15.72 2.10
C PRO A 277 -12.78 14.98 1.63
N ALA A 278 -12.28 15.39 0.45
CA ALA A 278 -11.15 14.68 -0.13
C ALA A 278 -9.94 14.78 0.78
N GLY A 279 -9.22 13.66 0.92
CA GLY A 279 -8.02 13.55 1.78
C GLY A 279 -8.28 13.35 3.26
N ARG A 280 -9.53 13.38 3.70
CA ARG A 280 -9.85 13.16 5.09
C ARG A 280 -10.13 11.67 5.26
N ALA A 281 -9.47 11.03 6.27
CA ALA A 281 -9.52 9.59 6.40
C ALA A 281 -9.59 9.20 7.88
N ILE A 282 -10.17 8.03 8.13
CA ILE A 282 -10.01 7.32 9.39
C ILE A 282 -8.80 6.38 9.26
N LEU A 283 -7.83 6.53 10.16
CA LEU A 283 -6.62 5.73 10.12
C LEU A 283 -6.71 4.64 11.19
N LEU A 284 -6.59 3.38 10.75
CA LEU A 284 -6.59 2.22 11.64
C LEU A 284 -5.18 1.63 11.68
N THR A 285 -4.62 1.50 12.89
CA THR A 285 -3.29 0.96 13.07
C THR A 285 -3.33 -0.13 14.12
N ASP A 286 -2.12 -0.66 14.41
CA ASP A 286 -1.87 -1.69 15.42
C ASP A 286 -2.01 -1.17 16.84
N SER A 287 -1.53 0.05 17.07
CA SER A 287 -1.21 0.57 18.38
C SER A 287 -2.22 1.54 18.95
N ASP A 288 -2.93 2.27 18.12
CA ASP A 288 -3.87 3.26 18.60
C ASP A 288 -5.27 2.90 18.13
N SER A 289 -6.25 3.53 18.77
CA SER A 289 -7.63 3.43 18.31
C SER A 289 -7.78 4.26 17.04
N PRO A 290 -8.91 4.13 16.32
CA PRO A 290 -9.05 4.81 15.04
C PRO A 290 -8.87 6.31 15.22
N THR A 291 -8.25 6.94 14.21
CA THR A 291 -7.84 8.33 14.29
C THR A 291 -8.24 9.09 13.03
N TYR A 292 -8.84 10.27 13.18
CA TYR A 292 -9.12 11.06 11.98
C TYR A 292 -7.86 11.81 11.54
N VAL A 293 -7.55 11.77 10.25
CA VAL A 293 -6.34 12.42 9.74
C VAL A 293 -6.71 13.17 8.47
N GLN A 294 -5.89 14.16 8.12
CA GLN A 294 -5.95 14.78 6.80
C GLN A 294 -4.64 14.50 6.07
N LEU A 295 -4.73 13.96 4.85
CA LEU A 295 -3.55 13.56 4.11
C LEU A 295 -2.98 14.75 3.36
N ILE A 296 -1.65 14.71 3.21
CA ILE A 296 -0.97 15.76 2.46
C ILE A 296 -1.42 15.71 1.02
N ASN A 297 -1.61 16.87 0.45
CA ASN A 297 -1.98 16.97 -0.95
C ASN A 297 -0.74 17.42 -1.72
N PRO A 298 -0.08 16.54 -2.47
CA PRO A 298 1.19 16.89 -3.11
C PRO A 298 1.00 17.91 -4.22
N LEU A 299 2.13 18.43 -4.70
CA LEU A 299 2.21 19.44 -5.76
C LEU A 299 1.74 20.82 -5.30
PG ATP B . -10.83 7.85 -8.30
O1G ATP B . -11.22 8.49 -9.57
O2G ATP B . -9.68 6.91 -8.42
O3G ATP B . -11.97 7.30 -7.48
PB ATP B . -9.16 9.01 -6.22
O1B ATP B . -7.84 8.42 -6.61
O2B ATP B . -9.87 8.57 -4.96
O3B ATP B . -10.22 9.10 -7.43
PA ATP B . -7.60 11.39 -6.53
O1A ATP B . -6.38 11.06 -5.65
O2A ATP B . -7.48 11.24 -8.02
O3A ATP B . -8.89 10.59 -5.99
O5' ATP B . -8.09 12.89 -6.15
C5' ATP B . -9.13 13.54 -6.85
C4' ATP B . -9.13 15.03 -6.38
O4' ATP B . -9.50 15.10 -5.03
C3' ATP B . -7.82 15.77 -6.46
O3' ATP B . -7.73 16.29 -7.81
C2' ATP B . -8.04 16.85 -5.47
O2' ATP B . -8.99 17.80 -6.02
C1' ATP B . -8.82 16.15 -4.38
N9 ATP B . -7.87 15.53 -3.42
C8 ATP B . -7.35 14.26 -3.45
N7 ATP B . -6.51 14.11 -2.37
C5 ATP B . -6.53 15.25 -1.65
C6 ATP B . -5.83 15.76 -0.47
N6 ATP B . -5.03 14.89 0.18
N1 ATP B . -6.10 17.01 -0.02
C2 ATP B . -6.96 17.84 -0.73
N3 ATP B . -7.59 17.42 -1.86
C4 ATP B . -7.42 16.18 -2.35
MG MG C . -7.65 6.99 -8.30
#